data_4J6E
#
_entry.id   4J6E
#
_cell.length_a   107.297
_cell.length_b   107.297
_cell.length_c   81.290
_cell.angle_alpha   90.00
_cell.angle_beta   90.00
_cell.angle_gamma   120.00
#
_symmetry.space_group_name_H-M   'P 61 2 2'
#
loop_
_entity.id
_entity.type
_entity.pdbx_description
1 polymer 'UDP-2,3-diacylglucosamine pyrophosphatase LpxI'
2 non-polymer '(2R,3R,4R,5S,6R)-2-{[(S)-{[(S)-{[(2R,3S,4R,5R)-5-(2,4-dioxo-3,4-dihydropyrimidin-1(2H)-yl)-3,4-dihydroxytetrahydrofuran-2-yl]methoxy}(hydroxy)phosphoryl]oxy}(hydroxy)phosphoryl]oxy}-5-hydroxy-6-(hydroxymethyl)-3-{[(3R)-3-hydroxytetradecanoyl]amino}tetrahydro-2H-pyran-4-yl (3R)-3-hydroxytetradecanoate'
3 water water
#
_entity_poly.entity_id   1
_entity_poly.type   'polypeptide(L)'
_entity_poly.pdbx_seq_one_letter_code
;GHMMRKLGLIAGGGALPVELASHCEAAGRAFAVMRLRSFADPSLDRYPGADVGIGEFGKIFKALRAEGCDVVCFAGNVSR
PDFSALMPDARGLKVLPSLIVAARKGDDALLRRVLDEFEKEGFEIEGAHEVMGEMTLPRGRLGKVSPAPEHMADIDKALD
VAREIGRLDIGQGAVVCEGLVLAVEAQEGTDAMLRRVADLPEAIRGRAERRLGVLAKAPKPIQETRVALPTIGVATIHRA
ARAGLAGIVGEAGRLLVVDREAVIAAADDLGLFVLGVDPQERP
;
_entity_poly.pdbx_strand_id   A
#
loop_
_chem_comp.id
_chem_comp.type
_chem_comp.name
_chem_comp.formula
UDG non-polymer '(2R,3R,4R,5S,6R)-2-{[(S)-{[(S)-{[(2R,3S,4R,5R)-5-(2,4-dioxo-3,4-dihydropyrimidin-1(2H)-yl)-3,4-dihydroxytetrahydrofuran-2-yl]methoxy}(hydroxy)phosphoryl]oxy}(hydroxy)phosphoryl]oxy}-5-hydroxy-6-(hydroxymethyl)-3-{[(3R)-3-hydroxytetradecanoyl]amino}tetrahydro-2H-pyran-4-yl (3R)-3-hydroxytetradecanoate' 'C43 H77 N3 O20 P2'
#
# COMPACT_ATOMS: atom_id res chain seq x y z
N MET A 4 5.15 19.39 9.81
CA MET A 4 5.92 19.23 8.58
C MET A 4 7.42 19.19 8.89
N ARG A 5 7.76 18.65 10.07
CA ARG A 5 9.16 18.46 10.44
C ARG A 5 9.67 17.13 9.88
N LYS A 6 10.98 16.86 10.02
CA LYS A 6 11.60 15.74 9.31
C LYS A 6 13.07 15.50 9.73
N LEU A 7 13.58 14.26 9.59
CA LEU A 7 12.84 13.10 9.06
C LEU A 7 13.35 11.80 9.66
N GLY A 8 12.48 10.79 9.71
CA GLY A 8 12.88 9.46 10.13
C GLY A 8 12.16 8.41 9.29
N LEU A 9 12.91 7.64 8.52
CA LEU A 9 12.28 6.69 7.62
C LEU A 9 12.34 5.24 8.08
N ILE A 10 11.16 4.70 8.38
CA ILE A 10 10.99 3.32 8.78
C ILE A 10 10.86 2.48 7.52
N ALA A 11 11.94 1.86 7.09
CA ALA A 11 11.97 1.22 5.77
C ALA A 11 11.27 -0.13 5.67
N GLY A 12 10.13 -0.17 5.01
CA GLY A 12 9.57 -1.42 4.54
C GLY A 12 10.36 -1.93 3.33
N GLY A 13 9.64 -2.39 2.31
CA GLY A 13 10.29 -2.96 1.13
C GLY A 13 9.55 -2.54 -0.11
N GLY A 14 10.21 -2.63 -1.25
CA GLY A 14 9.63 -2.16 -2.49
C GLY A 14 10.08 -0.75 -2.78
N ALA A 15 9.52 -0.13 -3.82
CA ALA A 15 10.02 1.14 -4.32
C ALA A 15 9.88 2.34 -3.39
N LEU A 16 8.71 2.52 -2.77
CA LEU A 16 8.46 3.66 -1.87
C LEU A 16 9.66 4.11 -1.03
N PRO A 17 10.28 3.18 -0.26
CA PRO A 17 11.43 3.60 0.56
C PRO A 17 12.60 4.16 -0.25
N VAL A 18 12.69 3.79 -1.52
CA VAL A 18 13.66 4.44 -2.38
C VAL A 18 13.04 5.70 -2.98
N GLU A 19 11.72 5.68 -3.23
CA GLU A 19 11.01 6.84 -3.76
C GLU A 19 10.88 7.99 -2.77
N LEU A 20 11.46 7.83 -1.59
CA LEU A 20 11.60 8.95 -0.68
C LEU A 20 13.07 9.33 -0.59
N ALA A 21 13.95 8.34 -0.70
CA ALA A 21 15.39 8.58 -0.78
C ALA A 21 15.69 9.44 -1.99
N SER A 22 15.04 9.13 -3.11
CA SER A 22 15.15 9.96 -4.31
C SER A 22 14.64 11.36 -3.97
N HIS A 23 13.54 11.41 -3.22
CA HIS A 23 12.92 12.67 -2.84
C HIS A 23 13.66 13.36 -1.69
N CYS A 24 14.37 12.57 -0.87
CA CYS A 24 15.15 13.14 0.22
C CYS A 24 16.41 13.81 -0.31
N GLU A 25 16.73 13.54 -1.58
CA GLU A 25 17.82 14.22 -2.23
C GLU A 25 17.44 15.69 -2.40
N ALA A 26 16.14 15.96 -2.31
CA ALA A 26 15.66 17.33 -2.37
C ALA A 26 15.96 18.10 -1.09
N ALA A 27 14.94 18.26 -0.25
CA ALA A 27 14.97 19.24 0.84
C ALA A 27 16.18 19.21 1.78
N GLY A 28 16.88 18.08 1.80
CA GLY A 28 18.02 17.91 2.68
C GLY A 28 17.55 17.98 4.13
N ARG A 29 17.14 16.84 4.67
CA ARG A 29 16.54 16.83 6.01
C ARG A 29 17.49 16.91 7.22
N ALA A 30 18.52 16.06 7.31
CA ALA A 30 18.74 14.93 6.43
C ALA A 30 18.08 13.71 7.07
N PHE A 31 17.38 12.96 6.24
CA PHE A 31 16.64 11.78 6.67
C PHE A 31 17.49 10.80 7.47
N ALA A 32 16.82 9.87 8.13
CA ALA A 32 17.48 8.75 8.78
C ALA A 32 16.68 7.50 8.48
N VAL A 33 17.35 6.45 8.04
CA VAL A 33 16.64 5.27 7.63
C VAL A 33 16.78 4.18 8.66
N MET A 34 15.68 3.92 9.37
CA MET A 34 15.54 2.71 10.17
C MET A 34 15.16 1.58 9.23
N ARG A 35 16.17 0.91 8.68
CA ARG A 35 15.95 -0.17 7.73
C ARG A 35 15.35 -1.36 8.47
N LEU A 36 14.18 -1.82 8.02
CA LEU A 36 13.61 -3.01 8.66
C LEU A 36 14.39 -4.22 8.15
N ARG A 37 15.11 -4.85 9.08
CA ARG A 37 16.19 -5.79 8.77
C ARG A 37 15.80 -6.84 7.74
N SER A 38 14.53 -7.25 7.82
CA SER A 38 13.97 -8.35 7.03
C SER A 38 13.35 -7.91 5.70
N PHE A 39 13.11 -6.60 5.53
CA PHE A 39 12.34 -6.11 4.37
C PHE A 39 13.09 -5.04 3.57
N ALA A 40 13.91 -4.26 4.25
CA ALA A 40 14.52 -3.09 3.66
C ALA A 40 15.42 -3.47 2.50
N ASP A 41 15.33 -2.70 1.42
CA ASP A 41 16.17 -2.92 0.27
C ASP A 41 17.61 -2.54 0.62
N PRO A 42 18.59 -3.16 -0.07
CA PRO A 42 19.99 -2.77 0.11
C PRO A 42 20.36 -1.51 -0.69
N SER A 43 19.42 -0.96 -1.45
CA SER A 43 19.63 0.34 -2.10
C SER A 43 19.62 1.43 -1.03
N LEU A 44 19.27 1.02 0.19
CA LEU A 44 19.21 1.88 1.36
C LEU A 44 20.32 1.53 2.35
N ASP A 45 21.22 0.64 1.93
CA ASP A 45 22.42 0.32 2.71
C ASP A 45 23.30 1.56 2.88
N ARG A 46 23.73 1.81 4.11
CA ARG A 46 24.57 2.95 4.47
C ARG A 46 24.03 4.33 4.06
N TYR A 47 22.73 4.50 4.23
CA TYR A 47 22.16 5.83 4.44
C TYR A 47 22.15 5.92 5.95
N PRO A 48 22.19 7.15 6.47
CA PRO A 48 22.11 7.35 7.93
C PRO A 48 20.92 6.59 8.54
N GLY A 49 21.06 6.18 9.78
CA GLY A 49 20.05 5.36 10.42
C GLY A 49 20.62 4.02 10.82
N ALA A 50 19.76 3.02 10.94
CA ALA A 50 20.21 1.72 11.44
C ALA A 50 19.53 0.57 10.73
N ASP A 51 19.79 -0.63 11.24
CA ASP A 51 19.08 -1.82 10.81
C ASP A 51 18.30 -2.39 11.96
N VAL A 52 16.98 -2.42 11.78
CA VAL A 52 16.06 -2.78 12.83
C VAL A 52 15.45 -4.13 12.59
N GLY A 53 15.68 -5.05 13.51
CA GLY A 53 14.93 -6.29 13.52
C GLY A 53 13.52 -5.85 13.91
N ILE A 54 12.52 -6.32 13.20
CA ILE A 54 11.18 -5.78 13.35
C ILE A 54 10.68 -5.87 14.79
N GLY A 55 11.32 -6.72 15.58
CA GLY A 55 11.05 -6.80 17.00
C GLY A 55 11.88 -5.82 17.84
N GLU A 56 12.97 -5.31 17.28
CA GLU A 56 13.81 -4.32 17.98
C GLU A 56 13.06 -2.99 18.11
N PHE A 57 11.97 -3.03 18.88
CA PHE A 57 11.05 -1.91 18.95
C PHE A 57 11.66 -0.77 19.74
N GLY A 58 12.50 -1.12 20.71
CA GLY A 58 13.14 -0.12 21.53
C GLY A 58 14.43 0.38 20.94
N LYS A 59 15.04 -0.41 20.07
CA LYS A 59 16.24 0.05 19.39
C LYS A 59 15.89 1.11 18.38
N ILE A 60 14.78 0.90 17.67
CA ILE A 60 14.27 1.87 16.71
C ILE A 60 14.00 3.21 17.39
N PHE A 61 13.55 3.14 18.64
CA PHE A 61 13.20 4.32 19.40
C PHE A 61 14.43 5.13 19.81
N LYS A 62 15.43 4.43 20.33
CA LYS A 62 16.69 5.08 20.73
C LYS A 62 17.44 5.58 19.50
N ALA A 63 17.27 4.89 18.38
CA ALA A 63 17.93 5.27 17.15
C ALA A 63 17.35 6.53 16.51
N LEU A 64 16.03 6.60 16.39
CA LEU A 64 15.37 7.80 15.86
C LEU A 64 15.64 8.98 16.78
N ARG A 65 15.63 8.69 18.09
CA ARG A 65 15.95 9.71 19.08
C ARG A 65 17.39 10.16 18.90
N ALA A 66 18.30 9.19 18.86
CA ALA A 66 19.73 9.44 18.69
C ALA A 66 20.02 10.41 17.55
N GLU A 67 19.63 10.01 16.34
CA GLU A 67 19.87 10.83 15.16
C GLU A 67 19.32 12.25 15.34
N GLY A 68 18.05 12.34 15.68
CA GLY A 68 17.40 13.62 15.87
C GLY A 68 16.07 13.63 15.13
N CYS A 69 15.22 12.68 15.47
CA CYS A 69 13.94 12.53 14.79
C CYS A 69 12.75 12.81 15.70
N ASP A 70 11.80 13.56 15.17
CA ASP A 70 10.58 13.87 15.89
C ASP A 70 9.40 13.58 14.97
N VAL A 71 9.71 13.16 13.75
CA VAL A 71 8.70 12.94 12.71
C VAL A 71 9.07 11.75 11.84
N VAL A 72 8.27 10.69 11.88
CA VAL A 72 8.63 9.49 11.15
C VAL A 72 7.64 9.15 10.04
N CYS A 73 8.15 8.47 9.01
CA CYS A 73 7.32 8.06 7.88
C CYS A 73 7.41 6.56 7.62
N PHE A 74 6.27 5.90 7.53
CA PHE A 74 6.21 4.47 7.26
C PHE A 74 6.01 4.17 5.78
N ALA A 75 7.09 3.79 5.13
CA ALA A 75 7.05 3.47 3.71
C ALA A 75 7.51 2.05 3.48
N GLY A 76 6.86 1.35 2.57
CA GLY A 76 7.31 0.02 2.19
C GLY A 76 6.33 -1.07 2.58
N ASN A 77 6.47 -2.23 1.95
CA ASN A 77 5.64 -3.37 2.30
C ASN A 77 6.19 -4.12 3.52
N VAL A 78 5.30 -4.43 4.44
CA VAL A 78 5.66 -5.20 5.60
C VAL A 78 4.66 -6.36 5.76
N SER A 79 5.12 -7.48 6.29
CA SER A 79 4.23 -8.58 6.64
C SER A 79 4.18 -8.75 8.13
N ARG A 80 3.09 -9.32 8.63
CA ARG A 80 3.09 -9.72 10.03
C ARG A 80 4.09 -10.86 10.17
N PRO A 81 4.92 -10.78 11.21
CA PRO A 81 5.92 -11.79 11.54
C PRO A 81 5.30 -13.09 12.06
N ASP A 82 6.07 -14.16 12.00
CA ASP A 82 5.78 -15.32 12.84
C ASP A 82 6.38 -14.97 14.18
N PHE A 83 5.51 -14.65 15.15
CA PHE A 83 5.96 -14.00 16.36
C PHE A 83 6.99 -14.82 17.12
N SER A 84 6.76 -16.13 17.17
CA SER A 84 7.62 -17.06 17.90
C SER A 84 9.09 -16.82 17.61
N ALA A 85 9.42 -16.72 16.32
CA ALA A 85 10.79 -16.59 15.86
C ALA A 85 11.34 -15.16 15.91
N LEU A 86 10.69 -14.28 16.66
CA LEU A 86 11.07 -12.86 16.66
C LEU A 86 12.44 -12.54 17.27
N MET A 87 12.95 -11.36 16.95
CA MET A 87 14.28 -10.91 17.39
C MET A 87 14.21 -10.21 18.78
N PRO A 88 15.36 -10.08 19.47
CA PRO A 88 15.32 -9.68 20.88
C PRO A 88 15.44 -8.18 21.16
N ASP A 89 14.50 -7.66 21.96
CA ASP A 89 14.51 -6.28 22.40
C ASP A 89 13.50 -6.10 23.52
N ALA A 90 14.00 -5.65 24.67
CA ALA A 90 13.21 -5.66 25.91
C ALA A 90 12.22 -4.52 25.99
N ARG A 91 12.37 -3.53 25.12
CA ARG A 91 11.47 -2.39 25.16
C ARG A 91 10.22 -2.70 24.37
N GLY A 92 10.33 -3.63 23.44
CA GLY A 92 9.19 -4.02 22.64
C GLY A 92 8.17 -4.84 23.42
N LEU A 93 8.51 -5.21 24.63
CA LEU A 93 7.66 -6.12 25.38
C LEU A 93 6.51 -5.40 26.08
N LYS A 94 6.76 -4.20 26.59
CA LYS A 94 5.73 -3.46 27.32
C LYS A 94 4.51 -3.16 26.45
N VAL A 95 4.66 -3.33 25.14
CA VAL A 95 3.60 -3.03 24.18
C VAL A 95 3.23 -4.24 23.31
N LEU A 96 4.12 -5.22 23.28
CA LEU A 96 3.95 -6.46 22.53
C LEU A 96 2.57 -7.15 22.63
N PRO A 97 2.07 -7.43 23.85
CA PRO A 97 0.84 -8.22 23.90
C PRO A 97 -0.27 -7.52 23.16
N SER A 98 -0.50 -6.24 23.48
CA SER A 98 -1.40 -5.37 22.72
C SER A 98 -1.14 -5.38 21.19
N LEU A 99 -0.02 -5.91 20.74
CA LEU A 99 0.16 -6.13 19.30
C LEU A 99 -0.39 -7.51 18.95
N ILE A 100 0.21 -8.54 19.56
CA ILE A 100 -0.19 -9.93 19.31
C ILE A 100 -1.69 -10.11 19.50
N VAL A 101 -2.24 -9.42 20.50
CA VAL A 101 -3.67 -9.44 20.77
C VAL A 101 -4.46 -8.75 19.65
N ALA A 102 -3.99 -7.60 19.20
CA ALA A 102 -4.67 -6.87 18.13
C ALA A 102 -4.45 -7.57 16.81
N ALA A 103 -3.37 -8.35 16.74
CA ALA A 103 -3.06 -9.14 15.57
C ALA A 103 -4.17 -10.15 15.31
N ARG A 104 -4.83 -10.57 16.39
CA ARG A 104 -5.93 -11.52 16.30
C ARG A 104 -7.15 -10.94 15.59
N LYS A 105 -7.34 -9.62 15.73
CA LYS A 105 -8.42 -8.97 15.01
C LYS A 105 -8.16 -8.98 13.50
N GLY A 106 -7.13 -8.25 13.07
CA GLY A 106 -6.74 -8.26 11.68
C GLY A 106 -5.50 -7.44 11.36
N ASP A 107 -5.21 -7.31 10.08
CA ASP A 107 -4.02 -6.58 9.62
C ASP A 107 -4.20 -5.05 9.70
N ASP A 108 -5.08 -4.61 10.59
CA ASP A 108 -5.28 -3.19 10.80
C ASP A 108 -5.34 -2.90 12.30
N ALA A 109 -6.01 -3.75 13.05
CA ALA A 109 -6.00 -3.60 14.51
C ALA A 109 -4.58 -3.71 15.03
N LEU A 110 -3.75 -4.47 14.31
CA LEU A 110 -2.35 -4.62 14.65
C LEU A 110 -1.60 -3.38 14.23
N LEU A 111 -1.79 -3.01 12.97
CA LEU A 111 -1.21 -1.78 12.45
C LEU A 111 -1.61 -0.58 13.30
N ARG A 112 -2.84 -0.61 13.81
CA ARG A 112 -3.37 0.43 14.69
C ARG A 112 -2.47 0.61 15.91
N ARG A 113 -2.35 -0.44 16.71
CA ARG A 113 -1.59 -0.39 17.96
C ARG A 113 -0.14 0.06 17.78
N VAL A 114 0.52 -0.48 16.74
CA VAL A 114 1.93 -0.15 16.46
C VAL A 114 2.15 1.35 16.27
N LEU A 115 1.38 1.95 15.36
CA LEU A 115 1.52 3.37 15.05
C LEU A 115 1.08 4.28 16.20
N ASP A 116 0.05 3.88 16.93
CA ASP A 116 -0.37 4.66 18.10
C ASP A 116 0.72 4.52 19.17
N GLU A 117 1.39 3.37 19.16
CA GLU A 117 2.48 3.12 20.10
C GLU A 117 3.62 4.12 19.93
N PHE A 118 3.96 4.45 18.69
CA PHE A 118 4.95 5.49 18.43
C PHE A 118 4.49 6.83 19.03
N GLU A 119 3.25 7.21 18.73
CA GLU A 119 2.69 8.49 19.18
C GLU A 119 2.83 8.68 20.68
N LYS A 120 2.92 7.58 21.40
CA LYS A 120 3.25 7.63 22.82
C LYS A 120 4.62 8.25 23.05
N GLU A 121 5.63 7.76 22.33
CA GLU A 121 7.03 8.14 22.58
C GLU A 121 7.41 9.57 22.22
N GLY A 122 6.44 10.39 21.83
CA GLY A 122 6.70 11.77 21.51
C GLY A 122 6.88 11.98 20.02
N PHE A 123 7.10 10.88 19.30
CA PHE A 123 7.11 10.94 17.85
C PHE A 123 5.70 11.24 17.40
N GLU A 124 5.47 12.43 16.86
CA GLU A 124 4.21 12.67 16.16
C GLU A 124 4.40 12.42 14.67
N ILE A 125 3.59 11.52 14.13
CA ILE A 125 3.85 10.95 12.81
C ILE A 125 2.69 11.14 11.85
N GLU A 126 2.99 10.98 10.57
CA GLU A 126 1.99 11.00 9.51
C GLU A 126 2.68 10.62 8.22
N GLY A 127 2.55 9.35 7.84
CA GLY A 127 3.23 8.83 6.68
C GLY A 127 2.49 9.10 5.38
N ALA A 128 1.19 9.41 5.50
CA ALA A 128 0.37 9.64 4.31
C ALA A 128 0.60 11.00 3.67
N HIS A 129 0.46 12.07 4.46
CA HIS A 129 0.58 13.45 3.94
C HIS A 129 1.96 13.75 3.36
N GLU A 130 2.98 13.05 3.85
CA GLU A 130 4.33 13.21 3.34
C GLU A 130 4.40 12.74 1.89
N VAL A 131 3.63 11.69 1.59
CA VAL A 131 3.66 11.07 0.28
C VAL A 131 2.40 11.32 -0.53
N MET A 132 1.37 11.89 0.08
CA MET A 132 0.13 12.15 -0.65
C MET A 132 0.30 13.41 -1.48
N GLY A 133 1.13 14.32 -1.00
CA GLY A 133 1.42 15.56 -1.70
C GLY A 133 2.52 15.36 -2.73
N GLU A 134 2.60 14.15 -3.26
CA GLU A 134 3.57 13.79 -4.27
C GLU A 134 2.98 12.79 -5.26
N MET A 135 2.28 11.79 -4.73
CA MET A 135 1.91 10.59 -5.50
C MET A 135 0.59 9.96 -5.10
N THR A 136 -0.48 10.76 -5.09
CA THR A 136 -1.80 10.24 -4.77
C THR A 136 -2.67 10.14 -6.02
N LEU A 137 -3.77 9.42 -5.88
CA LEU A 137 -4.70 9.26 -6.98
C LEU A 137 -5.57 10.48 -7.04
N PRO A 138 -5.66 11.11 -8.21
CA PRO A 138 -6.56 12.26 -8.36
C PRO A 138 -7.92 11.82 -8.86
N ARG A 139 -8.91 12.69 -8.73
CA ARG A 139 -10.28 12.39 -9.16
C ARG A 139 -10.35 12.31 -10.68
N GLY A 140 -11.23 11.47 -11.19
CA GLY A 140 -11.38 11.29 -12.62
C GLY A 140 -10.22 10.51 -13.19
N ARG A 141 -10.21 10.32 -14.51
CA ARG A 141 -9.20 9.50 -15.14
C ARG A 141 -7.80 10.03 -14.93
N LEU A 142 -6.84 9.13 -15.04
CA LEU A 142 -5.45 9.42 -14.81
C LEU A 142 -4.77 9.42 -16.17
N GLY A 143 -5.14 8.45 -16.99
CA GLY A 143 -4.64 8.37 -18.36
C GLY A 143 -5.63 8.88 -19.42
N LYS A 144 -5.38 8.52 -20.66
CA LYS A 144 -6.19 9.02 -21.76
C LYS A 144 -7.44 8.19 -21.98
N VAL A 145 -7.44 6.97 -21.46
CA VAL A 145 -8.56 6.08 -21.65
C VAL A 145 -9.62 6.45 -20.65
N SER A 146 -10.86 6.49 -21.10
CA SER A 146 -11.97 6.64 -20.19
C SER A 146 -12.70 5.29 -20.12
N PRO A 147 -13.50 5.08 -19.07
CA PRO A 147 -14.41 3.94 -19.03
C PRO A 147 -15.54 4.08 -20.07
N ALA A 148 -15.91 2.99 -20.72
CA ALA A 148 -17.05 3.01 -21.64
C ALA A 148 -18.36 2.90 -20.85
N PRO A 149 -19.52 3.08 -21.51
CA PRO A 149 -20.74 2.80 -20.76
C PRO A 149 -20.70 1.40 -20.17
N GLU A 150 -20.33 0.42 -20.98
CA GLU A 150 -20.26 -0.99 -20.57
C GLU A 150 -19.36 -1.29 -19.35
N HIS A 151 -18.87 -0.28 -18.66
CA HIS A 151 -17.93 -0.47 -17.56
C HIS A 151 -18.31 0.24 -16.28
N MET A 152 -19.29 1.15 -16.36
CA MET A 152 -19.74 1.91 -15.19
C MET A 152 -20.35 1.04 -14.06
N ALA A 153 -21.20 0.06 -14.39
CA ALA A 153 -21.78 -0.81 -13.36
C ALA A 153 -20.72 -1.65 -12.62
N ASP A 154 -19.68 -2.08 -13.31
CA ASP A 154 -18.64 -2.87 -12.65
C ASP A 154 -17.82 -1.98 -11.73
N ILE A 155 -17.64 -0.74 -12.16
CA ILE A 155 -16.97 0.26 -11.34
C ILE A 155 -17.68 0.46 -9.98
N ASP A 156 -18.95 0.84 -9.98
CA ASP A 156 -19.64 1.04 -8.71
C ASP A 156 -19.64 -0.26 -7.85
N LYS A 157 -19.72 -1.42 -8.49
CA LYS A 157 -19.90 -2.63 -7.71
C LYS A 157 -18.58 -3.13 -7.17
N ALA A 158 -17.52 -3.04 -7.98
CA ALA A 158 -16.20 -3.46 -7.53
C ALA A 158 -15.83 -2.70 -6.26
N LEU A 159 -16.16 -1.41 -6.27
CA LEU A 159 -15.86 -0.49 -5.19
C LEU A 159 -16.63 -0.80 -3.93
N ASP A 160 -17.93 -0.98 -4.09
CA ASP A 160 -18.79 -1.38 -2.99
C ASP A 160 -18.25 -2.64 -2.29
N VAL A 161 -17.90 -3.66 -3.06
CA VAL A 161 -17.39 -4.92 -2.55
C VAL A 161 -16.05 -4.74 -1.82
N ALA A 162 -15.14 -3.99 -2.44
CA ALA A 162 -13.84 -3.68 -1.84
C ALA A 162 -13.99 -3.05 -0.45
N ARG A 163 -15.01 -2.20 -0.30
CA ARG A 163 -15.26 -1.47 0.94
C ARG A 163 -15.77 -2.36 2.05
N GLU A 164 -16.59 -3.34 1.70
CA GLU A 164 -17.22 -4.17 2.71
C GLU A 164 -16.30 -5.32 3.06
N ILE A 165 -15.63 -5.83 2.06
CA ILE A 165 -14.50 -6.71 2.27
C ILE A 165 -13.50 -5.97 3.16
N GLY A 166 -13.44 -4.66 3.02
CA GLY A 166 -12.43 -3.88 3.71
C GLY A 166 -12.76 -3.56 5.16
N ARG A 167 -14.04 -3.63 5.52
CA ARG A 167 -14.43 -3.24 6.86
C ARG A 167 -14.34 -4.45 7.80
N LEU A 168 -14.39 -5.64 7.23
CA LEU A 168 -14.22 -6.88 7.97
C LEU A 168 -12.74 -7.18 8.18
N ASP A 169 -11.89 -6.31 7.65
CA ASP A 169 -10.44 -6.42 7.78
C ASP A 169 -9.89 -7.62 7.00
N ILE A 170 -10.73 -8.18 6.13
CA ILE A 170 -10.31 -9.22 5.20
C ILE A 170 -9.21 -8.71 4.26
N GLY A 171 -9.63 -7.94 3.26
CA GLY A 171 -8.73 -7.39 2.27
C GLY A 171 -9.23 -6.04 1.79
N GLN A 172 -8.61 -5.50 0.75
CA GLN A 172 -8.96 -4.17 0.31
C GLN A 172 -9.20 -4.15 -1.17
N GLY A 173 -8.92 -5.27 -1.82
CA GLY A 173 -9.11 -5.38 -3.25
C GLY A 173 -10.16 -6.39 -3.64
N ALA A 174 -10.87 -6.08 -4.71
CA ALA A 174 -11.85 -6.98 -5.30
C ALA A 174 -11.96 -6.76 -6.81
N VAL A 175 -12.42 -7.79 -7.53
CA VAL A 175 -12.52 -7.74 -8.98
C VAL A 175 -13.89 -8.19 -9.49
N VAL A 176 -14.56 -7.28 -10.18
CA VAL A 176 -15.89 -7.51 -10.69
C VAL A 176 -15.95 -7.39 -12.22
N CYS A 177 -16.49 -8.42 -12.87
CA CYS A 177 -16.66 -8.44 -14.31
C CYS A 177 -18.10 -8.73 -14.68
N GLU A 178 -18.74 -7.78 -15.36
CA GLU A 178 -20.18 -7.88 -15.68
C GLU A 178 -21.06 -8.26 -14.49
N GLY A 179 -20.77 -7.69 -13.33
CA GLY A 179 -21.59 -7.92 -12.16
C GLY A 179 -21.15 -9.11 -11.33
N LEU A 180 -20.38 -10.02 -11.92
CA LEU A 180 -19.92 -11.19 -11.19
C LEU A 180 -18.60 -10.86 -10.51
N VAL A 181 -18.53 -11.13 -9.21
CA VAL A 181 -17.30 -10.94 -8.45
C VAL A 181 -16.39 -12.09 -8.77
N LEU A 182 -15.24 -11.79 -9.33
CA LEU A 182 -14.40 -12.87 -9.79
C LEU A 182 -13.48 -13.30 -8.68
N ALA A 183 -13.11 -12.32 -7.86
CA ALA A 183 -12.07 -12.52 -6.86
C ALA A 183 -12.07 -11.41 -5.83
N VAL A 184 -11.60 -11.77 -4.65
CA VAL A 184 -11.49 -10.87 -3.52
C VAL A 184 -10.12 -11.09 -2.84
N GLU A 185 -9.42 -10.02 -2.51
CA GLU A 185 -8.07 -10.15 -1.99
C GLU A 185 -8.08 -10.44 -0.47
N ALA A 186 -7.28 -11.40 0.00
CA ALA A 186 -7.17 -11.55 1.45
C ALA A 186 -5.73 -11.34 1.89
N GLN A 187 -5.03 -12.41 2.22
CA GLN A 187 -3.61 -12.31 2.49
C GLN A 187 -2.70 -12.51 1.26
N GLU A 188 -3.25 -12.96 0.12
CA GLU A 188 -2.41 -13.33 -1.03
C GLU A 188 -1.70 -12.17 -1.73
N GLY A 189 -2.30 -10.99 -1.68
CA GLY A 189 -1.73 -9.84 -2.38
C GLY A 189 -2.45 -9.55 -3.68
N THR A 190 -2.37 -8.32 -4.14
CA THR A 190 -3.04 -7.93 -5.38
C THR A 190 -2.51 -8.62 -6.64
N ASP A 191 -1.20 -8.81 -6.70
CA ASP A 191 -0.59 -9.41 -7.87
C ASP A 191 -1.03 -10.85 -7.99
N ALA A 192 -0.94 -11.59 -6.88
CA ALA A 192 -1.43 -12.96 -6.85
C ALA A 192 -2.94 -13.03 -7.19
N MET A 193 -3.72 -12.10 -6.68
CA MET A 193 -5.13 -12.10 -6.97
C MET A 193 -5.41 -11.87 -8.49
N LEU A 194 -4.74 -10.90 -9.10
CA LEU A 194 -4.88 -10.66 -10.52
C LEU A 194 -4.46 -11.88 -11.34
N ARG A 195 -3.39 -12.52 -10.92
CA ARG A 195 -2.97 -13.77 -11.52
C ARG A 195 -4.04 -14.88 -11.47
N ARG A 196 -4.67 -15.03 -10.32
CA ARG A 196 -5.80 -15.93 -10.22
C ARG A 196 -6.86 -15.62 -11.28
N VAL A 197 -7.26 -14.36 -11.41
CA VAL A 197 -8.26 -13.99 -12.40
C VAL A 197 -7.93 -14.39 -13.84
N ALA A 198 -6.70 -14.12 -14.26
CA ALA A 198 -6.28 -14.49 -15.59
C ALA A 198 -6.39 -16.00 -15.76
N ASP A 199 -6.34 -16.72 -14.64
CA ASP A 199 -6.36 -18.15 -14.67
C ASP A 199 -7.78 -18.65 -14.77
N LEU A 200 -8.75 -17.79 -14.49
CA LEU A 200 -10.14 -18.21 -14.53
C LEU A 200 -10.54 -18.48 -15.97
N PRO A 201 -11.57 -19.33 -16.17
CA PRO A 201 -12.05 -19.61 -17.54
C PRO A 201 -12.39 -18.30 -18.23
N GLU A 202 -12.10 -18.22 -19.51
CA GLU A 202 -12.35 -17.01 -20.28
C GLU A 202 -13.83 -16.68 -20.40
N ALA A 203 -14.69 -17.67 -20.14
CA ALA A 203 -16.13 -17.51 -20.31
C ALA A 203 -16.75 -16.49 -19.36
N ILE A 204 -16.05 -16.21 -18.27
CA ILE A 204 -16.52 -15.30 -17.24
C ILE A 204 -15.55 -14.13 -17.04
N ARG A 205 -14.75 -13.84 -18.05
CA ARG A 205 -13.92 -12.64 -17.99
C ARG A 205 -13.69 -12.02 -19.35
N GLY A 206 -13.02 -10.89 -19.33
CA GLY A 206 -12.79 -10.15 -20.54
C GLY A 206 -11.59 -10.80 -21.16
N ARG A 207 -11.21 -10.29 -22.30
CA ARG A 207 -10.01 -10.74 -22.97
C ARG A 207 -9.36 -9.54 -23.66
N ALA A 208 -8.19 -9.77 -24.20
CA ALA A 208 -7.29 -8.74 -24.64
C ALA A 208 -7.84 -7.76 -25.69
N GLU A 209 -8.95 -8.12 -26.31
CA GLU A 209 -9.56 -7.29 -27.37
C GLU A 209 -10.98 -6.82 -27.05
N ARG A 210 -11.63 -7.48 -26.10
CA ARG A 210 -12.85 -6.96 -25.49
C ARG A 210 -12.68 -7.03 -23.98
N ARG A 211 -12.21 -5.92 -23.40
CA ARG A 211 -11.94 -5.82 -21.98
C ARG A 211 -13.20 -5.59 -21.12
N LEU A 212 -13.46 -6.52 -20.19
CA LEU A 212 -14.53 -6.33 -19.24
C LEU A 212 -13.95 -6.42 -17.86
N GLY A 213 -14.61 -5.78 -16.89
CA GLY A 213 -14.19 -5.90 -15.52
C GLY A 213 -13.29 -4.80 -14.97
N VAL A 214 -13.32 -4.66 -13.65
CA VAL A 214 -12.61 -3.61 -12.95
C VAL A 214 -11.92 -4.19 -11.71
N LEU A 215 -10.69 -3.78 -11.46
CA LEU A 215 -10.10 -3.96 -10.14
C LEU A 215 -10.33 -2.71 -9.29
N ALA A 216 -10.84 -2.88 -8.08
CA ALA A 216 -11.03 -1.75 -7.15
C ALA A 216 -10.26 -2.00 -5.89
N LYS A 217 -9.46 -1.02 -5.46
CA LYS A 217 -8.82 -1.07 -4.15
C LYS A 217 -9.30 0.12 -3.35
N ALA A 218 -9.52 -0.10 -2.06
CA ALA A 218 -9.97 0.95 -1.17
C ALA A 218 -9.60 0.60 0.25
N PRO A 219 -9.42 1.62 1.10
CA PRO A 219 -9.24 1.39 2.53
C PRO A 219 -10.51 0.73 3.07
N LYS A 220 -10.54 0.03 4.22
CA LYS A 220 -9.66 0.16 5.40
C LYS A 220 -9.98 1.50 6.09
N PRO A 221 -11.22 1.60 6.62
CA PRO A 221 -11.85 2.86 7.04
C PRO A 221 -11.14 3.63 8.17
N ILE A 222 -11.25 4.96 8.10
CA ILE A 222 -10.67 5.88 9.08
C ILE A 222 -11.14 5.57 10.50
N ARG A 226 -5.31 8.12 7.97
CA ARG A 226 -4.61 7.00 7.34
C ARG A 226 -3.12 7.26 7.15
N VAL A 227 -2.36 6.18 7.07
CA VAL A 227 -0.92 6.23 6.84
C VAL A 227 -0.54 5.06 5.93
N ALA A 228 -1.22 3.94 6.11
CA ALA A 228 -1.11 2.80 5.21
C ALA A 228 -2.31 2.76 4.25
N LEU A 229 -2.05 2.95 2.95
CA LEU A 229 -3.11 2.97 1.95
C LEU A 229 -2.84 2.01 0.79
N PRO A 230 -3.90 1.48 0.16
CA PRO A 230 -3.69 0.53 -0.95
C PRO A 230 -2.88 1.16 -2.08
N THR A 231 -1.89 0.43 -2.57
CA THR A 231 -0.91 0.91 -3.54
C THR A 231 -1.09 0.21 -4.90
N ILE A 232 -0.78 0.92 -5.98
CA ILE A 232 -0.64 0.31 -7.30
C ILE A 232 0.60 0.87 -8.01
N GLY A 233 1.09 0.14 -8.99
CA GLY A 233 2.20 0.59 -9.79
C GLY A 233 2.09 -0.01 -11.18
N VAL A 234 3.19 -0.04 -11.91
CA VAL A 234 3.19 -0.51 -13.29
C VAL A 234 2.80 -1.96 -13.38
N ALA A 235 3.39 -2.79 -12.51
CA ALA A 235 3.12 -4.22 -12.47
C ALA A 235 1.63 -4.45 -12.37
N THR A 236 0.97 -3.65 -11.56
CA THR A 236 -0.46 -3.76 -11.44
C THR A 236 -1.13 -3.58 -12.80
N ILE A 237 -0.60 -2.67 -13.63
CA ILE A 237 -1.21 -2.44 -14.93
C ILE A 237 -1.17 -3.69 -15.83
N HIS A 238 -0.01 -4.26 -16.05
CA HIS A 238 0.05 -5.39 -16.96
C HIS A 238 -0.50 -6.68 -16.38
N ARG A 239 -0.38 -6.82 -15.07
CA ARG A 239 -1.03 -7.89 -14.33
C ARG A 239 -2.56 -7.71 -14.47
N ALA A 240 -3.04 -6.48 -14.37
CA ALA A 240 -4.46 -6.22 -14.65
C ALA A 240 -4.78 -6.54 -16.11
N ALA A 241 -3.81 -6.29 -16.97
CA ALA A 241 -4.03 -6.45 -18.40
C ALA A 241 -4.18 -7.94 -18.79
N ARG A 242 -3.22 -8.76 -18.38
CA ARG A 242 -3.29 -10.21 -18.59
C ARG A 242 -4.67 -10.77 -18.23
N ALA A 243 -5.26 -10.24 -17.17
CA ALA A 243 -6.51 -10.74 -16.66
C ALA A 243 -7.69 -10.35 -17.53
N GLY A 244 -7.48 -9.41 -18.43
CA GLY A 244 -8.54 -8.99 -19.33
C GLY A 244 -9.35 -7.82 -18.80
N LEU A 245 -8.97 -7.32 -17.63
CA LEU A 245 -9.63 -6.16 -17.03
C LEU A 245 -9.60 -4.92 -17.93
N ALA A 246 -10.66 -4.12 -17.83
CA ALA A 246 -10.76 -2.85 -18.54
C ALA A 246 -10.19 -1.65 -17.76
N GLY A 247 -9.97 -1.81 -16.47
CA GLY A 247 -9.47 -0.69 -15.69
C GLY A 247 -9.31 -0.88 -14.19
N ILE A 248 -8.91 0.19 -13.50
CA ILE A 248 -8.62 0.15 -12.07
C ILE A 248 -9.19 1.39 -11.39
N VAL A 249 -9.87 1.20 -10.26
CA VAL A 249 -10.47 2.34 -9.57
C VAL A 249 -10.11 2.38 -8.09
N GLY A 250 -10.04 3.60 -7.57
CA GLY A 250 -9.77 3.82 -6.17
C GLY A 250 -10.51 5.05 -5.74
N GLU A 251 -10.45 5.36 -4.45
CA GLU A 251 -10.99 6.61 -3.94
C GLU A 251 -9.90 7.67 -4.06
N ALA A 252 -10.26 8.82 -4.61
CA ALA A 252 -9.35 9.95 -4.73
C ALA A 252 -8.67 10.28 -3.40
N GLY A 253 -7.35 10.29 -3.40
CA GLY A 253 -6.59 10.60 -2.19
C GLY A 253 -6.46 9.42 -1.25
N ARG A 254 -6.94 8.26 -1.69
CA ARG A 254 -6.94 7.04 -0.88
C ARG A 254 -6.36 5.87 -1.68
N LEU A 255 -5.43 6.19 -2.57
CA LEU A 255 -4.64 5.19 -3.27
C LEU A 255 -3.30 5.79 -3.61
N LEU A 256 -2.26 4.97 -3.54
CA LEU A 256 -0.91 5.38 -3.88
C LEU A 256 -0.56 4.84 -5.27
N VAL A 257 -0.13 5.72 -6.16
CA VAL A 257 0.28 5.33 -7.50
C VAL A 257 1.77 5.48 -7.63
N VAL A 258 2.51 4.39 -7.50
CA VAL A 258 3.95 4.50 -7.64
C VAL A 258 4.27 4.71 -9.09
N ASP A 259 5.07 5.73 -9.37
CA ASP A 259 5.60 6.00 -10.70
C ASP A 259 4.46 6.35 -11.67
N ARG A 260 3.70 7.38 -11.32
CA ARG A 260 2.46 7.71 -12.02
C ARG A 260 2.57 7.96 -13.54
N GLU A 261 3.76 8.24 -14.05
CA GLU A 261 3.87 8.54 -15.47
C GLU A 261 4.02 7.27 -16.29
N ALA A 262 4.86 6.36 -15.82
CA ALA A 262 5.00 5.03 -16.41
C ALA A 262 3.74 4.20 -16.23
N VAL A 263 2.99 4.50 -15.16
CA VAL A 263 1.68 3.93 -14.95
C VAL A 263 0.73 4.44 -16.02
N ILE A 264 0.76 5.75 -16.25
CA ILE A 264 -0.01 6.38 -17.30
C ILE A 264 0.36 5.82 -18.68
N ALA A 265 1.65 5.72 -18.95
CA ALA A 265 2.09 5.25 -20.26
C ALA A 265 1.55 3.86 -20.51
N ALA A 266 1.66 2.99 -19.49
CA ALA A 266 1.36 1.57 -19.61
C ALA A 266 -0.13 1.32 -19.75
N ALA A 267 -0.90 1.99 -18.92
CA ALA A 267 -2.35 1.89 -18.96
C ALA A 267 -2.91 2.30 -20.30
N ASP A 268 -2.30 3.31 -20.91
CA ASP A 268 -2.78 3.86 -22.18
C ASP A 268 -2.52 2.96 -23.38
N ASP A 269 -1.33 2.35 -23.43
CA ASP A 269 -0.93 1.51 -24.56
C ASP A 269 -1.76 0.23 -24.53
N LEU A 270 -2.07 -0.20 -23.32
CA LEU A 270 -2.81 -1.44 -23.09
C LEU A 270 -4.30 -1.16 -23.22
N GLY A 271 -4.69 0.09 -23.05
CA GLY A 271 -6.08 0.48 -23.21
C GLY A 271 -6.91 0.31 -21.96
N LEU A 272 -6.29 0.58 -20.81
CA LEU A 272 -6.94 0.44 -19.52
C LEU A 272 -7.08 1.79 -18.81
N PHE A 273 -8.30 2.15 -18.39
CA PHE A 273 -8.45 3.32 -17.55
C PHE A 273 -7.96 3.16 -16.11
N VAL A 274 -7.55 4.27 -15.51
CA VAL A 274 -7.31 4.31 -14.08
C VAL A 274 -7.95 5.56 -13.57
N LEU A 275 -8.77 5.40 -12.54
CA LEU A 275 -9.77 6.37 -12.21
C LEU A 275 -9.91 6.52 -10.70
N GLY A 276 -9.90 7.75 -10.22
CA GLY A 276 -10.13 8.04 -8.82
C GLY A 276 -11.52 8.60 -8.57
N VAL A 277 -12.31 7.85 -7.81
CA VAL A 277 -13.68 8.25 -7.52
C VAL A 277 -13.72 9.04 -6.21
N ASP A 278 -14.78 9.79 -5.97
CA ASP A 278 -14.88 10.56 -4.74
C ASP A 278 -15.38 9.69 -3.58
N PRO A 279 -14.55 9.54 -2.53
CA PRO A 279 -14.86 8.75 -1.33
C PRO A 279 -16.24 9.06 -0.72
N1 UDG B . 3.68 -2.33 -7.04
C2 UDG B . 4.44 -1.76 -8.09
O2 UDG B . 4.02 -1.82 -9.39
N3 UDG B . 5.61 -1.16 -7.82
C4 UDG B . 6.05 -1.09 -6.55
O4 UDG B . 7.23 -0.49 -6.30
C5 UDG B . 5.32 -1.63 -5.50
C6 UDG B . 4.12 -2.25 -5.78
PA UDG B . -0.12 -5.09 -2.68
PB UDG B . -0.57 -3.26 -0.47
C1' UDG B . 1.70 -2.56 0.60
C11 UDG B . 2.39 -2.98 -7.32
O1A UDG B . -1.41 -5.77 -2.25
O1B UDG B . -0.77 -4.14 0.74
C2' UDG B . 2.24 -1.62 1.68
C12 UDG B . 2.37 -4.45 -6.96
O2' UDG B . 2.81 -5.27 -8.06
O2A UDG B . 1.10 -5.91 -3.03
O2B UDG B . -1.82 -2.73 -1.16
C3' UDG B . 2.34 -0.22 1.11
C13 UDG B . 0.90 -4.66 -6.64
O3' UDG B . 0.17 -4.93 -7.85
N34 UDG B . 1.40 -1.63 2.86
C35 UDG B . 1.41 -2.65 3.68
O36 UDG B . 2.45 -3.12 4.12
C37 UDG B . 0.08 -3.22 4.06
C38 UDG B . 0.36 -4.19 5.20
C39 UDG B . -0.20 -3.61 6.48
O3A UDG B . 0.38 -3.96 -1.60
O3B UDG B . 0.49 -2.13 0.00
C4' UDG B . 3.25 -0.26 -0.11
O4' UDG B . 3.00 0.95 -0.82
C14 UDG B . 0.43 -3.33 -6.06
O14 UDG B . 1.34 -2.35 -6.56
C40 UDG B . 0.54 -4.19 7.68
C41 UDG B . 0.06 -5.61 7.98
C42 UDG B . 1.03 -6.35 8.89
C43 UDG B . 1.38 -5.50 10.09
C44 UDG B . 2.69 -5.95 10.72
C45 UDG B . 3.06 -4.94 11.80
C46 UDG B . 4.47 -5.15 12.33
C47 UDG B . 4.43 -5.74 13.73
C48 UDG B . 5.79 -6.27 14.16
C49 UDG B . 5.68 -6.99 15.48
C5' UDG B . 2.96 -1.42 -1.06
O5' UDG B . 2.69 -2.66 -0.41
C15 UDG B . 0.46 -3.31 -4.54
O15 UDG B . -0.47 -4.24 -4.00
O50 UDG B . -0.25 -5.46 4.90
O51 UDG B . 2.98 0.65 2.02
C52 UDG B . 2.11 1.38 2.93
O53 UDG B . 0.96 1.65 2.58
C54 UDG B . 2.67 1.79 4.26
C55 UDG B . 3.11 0.53 4.99
C56 UDG B . 3.96 0.88 6.22
C57 UDG B . 4.39 -0.40 6.94
C58 UDG B . 3.41 -0.83 8.03
C59 UDG B . 3.87 -0.37 9.39
C6' UDG B . 4.10 -1.61 -2.06
O6' UDG B . 5.35 -1.30 -1.43
C60 UDG B . 5.27 -0.88 9.72
C61 UDG B . 5.65 -0.44 11.12
C62 UDG B . 5.98 -1.58 12.08
C63 UDG B . 7.50 -1.65 12.24
C64 UDG B . 7.99 -1.05 13.55
C65 UDG B . 9.26 -1.76 14.00
C66 UDG B . 9.92 -1.04 15.16
O67 UDG B . 1.95 -0.20 5.39
#